data_8PSB
#
_entry.id   8PSB
#
_entity_poly.entity_id   1
_entity_poly.type   'polydeoxyribonucleotide'
_entity_poly.pdbx_seq_one_letter_code
;(DA)(DG)(DG)(DG)(DT)(DA)(DG)(DG)(DG)(DC)(DG)(DG)(DC)(DG)(DG)(DG)(DG)(DA)(DC)(DG)
(DG)(DG)(DT)
;
_entity_poly.pdbx_strand_id   A
#